data_1ZJJ
#
_entry.id   1ZJJ
#
_cell.length_a   41.717
_cell.length_b   75.743
_cell.length_c   79.784
_cell.angle_alpha   90.00
_cell.angle_beta   103.21
_cell.angle_gamma   90.00
#
_symmetry.space_group_name_H-M   'P 1 21 1'
#
loop_
_entity.id
_entity.type
_entity.pdbx_description
1 polymer 'hypothetical protein PH1952'
2 non-polymer 'MAGNESIUM ION'
3 water water
#
_entity_poly.entity_id   1
_entity_poly.type   'polypeptide(L)'
_entity_poly.pdbx_seq_one_letter_code
;MVAIIFDMDGVLYRGNRAIPGVRELIEFLKERGIPFAFLTNNSTKTPEMYREKLLKMGIDVSSSIIITSGLATRLYMSKH
LDPGKIFVIGGEGLVKEMQALGWGIVTLDEARQGSWKEVKHVVVGLDPDLTYEKLKYATLAIRNGATFIGTNPDATLPGE
EGIYPGAGSIIAALKVATNVEPIIIGKPNEPMYEVVREMFPGEELWMVGDRLDTDIAFAKKFGMKAIMVLTGVSSLEDIK
KSEYKPDLVLPSVYELIDYLKTL
;
_entity_poly.pdbx_strand_id   A,B
#
# COMPACT_ATOMS: atom_id res chain seq x y z
N MET A 1 40.10 13.68 -6.50
CA MET A 1 39.72 14.26 -7.81
C MET A 1 38.20 14.27 -8.02
N VAL A 2 37.76 13.59 -9.07
CA VAL A 2 36.34 13.50 -9.41
C VAL A 2 35.86 12.06 -9.59
N ALA A 3 34.75 11.72 -8.93
CA ALA A 3 34.18 10.39 -9.04
C ALA A 3 32.77 10.53 -9.61
N ILE A 4 32.46 9.70 -10.60
CA ILE A 4 31.14 9.78 -11.23
C ILE A 4 30.19 8.64 -10.83
N ILE A 5 29.02 9.01 -10.33
CA ILE A 5 28.00 8.05 -9.89
C ILE A 5 26.90 8.01 -10.95
N PHE A 6 26.65 6.84 -11.51
CA PHE A 6 25.64 6.70 -12.55
C PHE A 6 24.42 5.92 -12.14
N ASP A 7 23.25 6.49 -12.41
CA ASP A 7 22.02 5.77 -12.19
C ASP A 7 22.10 4.84 -13.41
N MET A 8 21.37 3.72 -13.40
CA MET A 8 21.50 2.80 -14.50
C MET A 8 20.44 2.81 -15.61
N ASP A 9 19.21 2.43 -15.28
CA ASP A 9 18.14 2.40 -16.28
C ASP A 9 17.85 3.80 -16.82
N GLY A 10 17.92 3.97 -18.14
CA GLY A 10 17.66 5.26 -18.74
C GLY A 10 18.91 6.12 -18.86
N VAL A 11 20.02 5.59 -18.39
CA VAL A 11 21.29 6.31 -18.44
C VAL A 11 22.36 5.48 -19.15
N LEU A 12 22.57 4.26 -18.68
CA LEU A 12 23.56 3.37 -19.27
C LEU A 12 22.91 2.50 -20.33
N TYR A 13 21.60 2.32 -20.20
CA TYR A 13 20.83 1.52 -21.14
C TYR A 13 19.36 1.75 -20.93
N ARG A 14 18.56 1.09 -21.76
CA ARG A 14 17.10 1.15 -21.70
C ARG A 14 16.57 -0.27 -21.80
N GLY A 15 15.97 -0.75 -20.72
CA GLY A 15 15.44 -2.10 -20.74
C GLY A 15 16.50 -3.13 -21.07
N ASN A 16 16.63 -3.46 -22.35
CA ASN A 16 17.56 -4.50 -22.76
C ASN A 16 18.74 -4.10 -23.65
N ARG A 17 18.83 -2.82 -24.00
CA ARG A 17 19.91 -2.37 -24.89
C ARG A 17 20.71 -1.18 -24.39
N ALA A 18 22.03 -1.32 -24.44
CA ALA A 18 22.95 -0.27 -24.01
C ALA A 18 22.74 0.98 -24.86
N ILE A 19 22.95 2.14 -24.26
CA ILE A 19 22.81 3.41 -24.96
C ILE A 19 24.13 3.62 -25.71
N PRO A 20 24.06 4.11 -26.95
CA PRO A 20 25.28 4.33 -27.74
C PRO A 20 26.29 5.27 -27.11
N GLY A 21 27.56 4.86 -27.14
CA GLY A 21 28.61 5.68 -26.58
C GLY A 21 28.97 5.31 -25.15
N VAL A 22 28.13 4.50 -24.50
CA VAL A 22 28.37 4.11 -23.13
C VAL A 22 29.64 3.26 -22.96
N ARG A 23 29.91 2.40 -23.94
CA ARG A 23 31.09 1.57 -23.86
C ARG A 23 32.36 2.41 -23.95
N GLU A 24 32.37 3.38 -24.85
CA GLU A 24 33.55 4.24 -25.00
C GLU A 24 33.78 4.98 -23.68
N LEU A 25 32.71 5.54 -23.14
CA LEU A 25 32.79 6.29 -21.89
C LEU A 25 33.39 5.47 -20.74
N ILE A 26 32.81 4.30 -20.48
CA ILE A 26 33.30 3.44 -19.42
C ILE A 26 34.77 3.06 -19.61
N GLU A 27 35.15 2.72 -20.84
CA GLU A 27 36.52 2.37 -21.09
C GLU A 27 37.37 3.62 -20.85
N PHE A 28 36.85 4.77 -21.25
CA PHE A 28 37.57 6.03 -21.05
C PHE A 28 37.83 6.32 -19.57
N LEU A 29 36.83 6.12 -18.72
CA LEU A 29 36.98 6.36 -17.29
C LEU A 29 38.06 5.46 -16.69
N LYS A 30 38.05 4.20 -17.11
CA LYS A 30 39.03 3.24 -16.62
C LYS A 30 40.44 3.64 -17.00
N GLU A 31 40.65 3.97 -18.28
CA GLU A 31 41.96 4.37 -18.79
C GLU A 31 42.50 5.56 -17.97
N ARG A 32 41.62 6.49 -17.61
CA ARG A 32 42.02 7.68 -16.86
C ARG A 32 42.03 7.50 -15.34
N GLY A 33 41.58 6.33 -14.85
CA GLY A 33 41.55 6.11 -13.41
C GLY A 33 40.54 7.00 -12.72
N ILE A 34 39.51 7.40 -13.46
CA ILE A 34 38.45 8.25 -12.91
C ILE A 34 37.51 7.32 -12.18
N PRO A 35 37.39 7.46 -10.85
CA PRO A 35 36.50 6.62 -10.06
C PRO A 35 35.02 6.75 -10.43
N PHE A 36 34.29 5.65 -10.36
CA PHE A 36 32.88 5.67 -10.69
C PHE A 36 32.14 4.46 -10.11
N ALA A 37 30.82 4.61 -9.97
CA ALA A 37 29.99 3.52 -9.45
C ALA A 37 28.62 3.60 -10.08
N PHE A 38 27.92 2.47 -10.10
CA PHE A 38 26.58 2.43 -10.66
C PHE A 38 25.63 2.32 -9.47
N LEU A 39 24.57 3.12 -9.53
CA LEU A 39 23.61 3.16 -8.43
C LEU A 39 22.22 2.86 -8.95
N THR A 40 21.54 1.94 -8.30
CA THR A 40 20.17 1.60 -8.69
C THR A 40 19.31 1.36 -7.46
N ASN A 41 18.08 1.88 -7.50
CA ASN A 41 17.15 1.69 -6.39
C ASN A 41 16.53 0.29 -6.37
N ASN A 42 16.79 -0.51 -7.40
CA ASN A 42 16.23 -1.86 -7.44
C ASN A 42 16.99 -2.79 -6.51
N SER A 43 16.27 -3.67 -5.82
CA SER A 43 16.93 -4.60 -4.90
C SER A 43 16.62 -6.06 -5.18
N THR A 44 15.93 -6.34 -6.28
CA THR A 44 15.58 -7.71 -6.62
C THR A 44 16.78 -8.50 -7.12
N LYS A 45 17.77 -7.79 -7.67
CA LYS A 45 18.96 -8.45 -8.22
C LYS A 45 20.24 -8.26 -7.41
N THR A 46 21.17 -9.20 -7.60
CA THR A 46 22.46 -9.16 -6.93
C THR A 46 23.36 -8.30 -7.80
N PRO A 47 24.43 -7.73 -7.23
CA PRO A 47 25.32 -6.89 -8.04
C PRO A 47 25.92 -7.73 -9.17
N GLU A 48 26.17 -8.99 -8.88
CA GLU A 48 26.72 -9.93 -9.84
C GLU A 48 25.79 -10.09 -11.03
N MET A 49 24.49 -10.16 -10.78
CA MET A 49 23.51 -10.31 -11.86
C MET A 49 23.54 -9.11 -12.77
N TYR A 50 23.68 -7.92 -12.19
CA TYR A 50 23.75 -6.70 -12.98
C TYR A 50 25.03 -6.70 -13.82
N ARG A 51 26.14 -7.17 -13.24
CA ARG A 51 27.40 -7.22 -13.99
C ARG A 51 27.22 -8.01 -15.27
N GLU A 52 26.57 -9.16 -15.15
CA GLU A 52 26.34 -10.02 -16.30
C GLU A 52 25.43 -9.36 -17.35
N LYS A 53 24.40 -8.66 -16.88
CA LYS A 53 23.46 -7.96 -17.77
C LYS A 53 24.23 -6.88 -18.55
N LEU A 54 25.10 -6.16 -17.84
CA LEU A 54 25.89 -5.11 -18.46
C LEU A 54 26.95 -5.63 -19.41
N LEU A 55 27.63 -6.71 -19.03
CA LEU A 55 28.67 -7.27 -19.89
C LEU A 55 28.10 -7.73 -21.21
N LYS A 56 26.91 -8.30 -21.18
CA LYS A 56 26.27 -8.77 -22.41
C LYS A 56 25.99 -7.60 -23.34
N MET A 57 26.03 -6.39 -22.79
CA MET A 57 25.80 -5.19 -23.58
C MET A 57 27.13 -4.57 -23.97
N GLY A 58 28.21 -5.17 -23.50
CA GLY A 58 29.53 -4.65 -23.81
C GLY A 58 29.97 -3.63 -22.78
N ILE A 59 29.31 -3.65 -21.61
CA ILE A 59 29.64 -2.75 -20.52
C ILE A 59 30.34 -3.62 -19.48
N ASP A 60 31.66 -3.47 -19.38
CA ASP A 60 32.47 -4.30 -18.49
C ASP A 60 32.97 -3.60 -17.23
N VAL A 61 32.36 -3.92 -16.09
CA VAL A 61 32.76 -3.32 -14.81
C VAL A 61 32.80 -4.36 -13.68
N SER A 62 33.35 -3.95 -12.54
CA SER A 62 33.43 -4.83 -11.38
C SER A 62 32.13 -4.76 -10.59
N SER A 63 31.70 -5.90 -10.06
CA SER A 63 30.48 -5.95 -9.27
C SER A 63 30.62 -5.09 -8.02
N SER A 64 31.86 -4.85 -7.61
CA SER A 64 32.11 -4.06 -6.40
C SER A 64 31.71 -2.59 -6.51
N ILE A 65 31.45 -2.12 -7.73
CA ILE A 65 31.04 -0.72 -7.88
C ILE A 65 29.55 -0.58 -8.24
N ILE A 66 28.84 -1.71 -8.22
CA ILE A 66 27.41 -1.70 -8.50
C ILE A 66 26.69 -1.71 -7.17
N ILE A 67 26.12 -0.56 -6.82
CA ILE A 67 25.40 -0.41 -5.57
C ILE A 67 23.90 -0.45 -5.75
N THR A 68 23.29 -1.53 -5.24
CA THR A 68 21.86 -1.71 -5.30
C THR A 68 21.28 -1.17 -4.00
N SER A 69 19.97 -0.98 -3.94
CA SER A 69 19.36 -0.48 -2.71
C SER A 69 19.48 -1.53 -1.61
N GLY A 70 19.59 -2.79 -2.01
CA GLY A 70 19.73 -3.85 -1.03
C GLY A 70 21.09 -3.76 -0.36
N LEU A 71 22.11 -3.53 -1.17
CA LEU A 71 23.47 -3.39 -0.68
C LEU A 71 23.52 -2.17 0.25
N ALA A 72 22.93 -1.06 -0.20
CA ALA A 72 22.92 0.16 0.58
C ALA A 72 22.19 -0.05 1.92
N THR A 73 21.13 -0.86 1.89
CA THR A 73 20.35 -1.13 3.09
C THR A 73 21.21 -1.87 4.11
N ARG A 74 22.00 -2.84 3.64
CA ARG A 74 22.87 -3.61 4.52
C ARG A 74 23.88 -2.70 5.21
N LEU A 75 24.53 -1.84 4.42
CA LEU A 75 25.52 -0.93 4.95
C LEU A 75 24.92 0.04 5.95
N TYR A 76 23.69 0.49 5.70
CA TYR A 76 23.03 1.42 6.61
C TYR A 76 22.74 0.71 7.92
N MET A 77 22.25 -0.53 7.82
CA MET A 77 21.91 -1.30 9.00
C MET A 77 23.12 -1.60 9.88
N SER A 78 24.22 -2.02 9.26
CA SER A 78 25.43 -2.32 10.01
C SER A 78 25.96 -1.08 10.70
N LYS A 79 25.87 0.04 10.00
CA LYS A 79 26.37 1.30 10.51
C LYS A 79 25.50 1.98 11.56
N HIS A 80 24.19 2.00 11.35
CA HIS A 80 23.31 2.70 12.28
C HIS A 80 22.36 1.90 13.18
N LEU A 81 22.21 0.61 12.94
CA LEU A 81 21.28 -0.15 13.75
C LEU A 81 21.91 -1.22 14.64
N ASP A 82 21.19 -1.58 15.69
CA ASP A 82 21.67 -2.63 16.59
C ASP A 82 21.23 -3.95 16.00
N PRO A 83 22.16 -4.90 15.85
CA PRO A 83 21.91 -6.23 15.30
C PRO A 83 20.68 -6.91 15.89
N GLY A 84 19.88 -7.54 15.03
CA GLY A 84 18.67 -8.22 15.46
C GLY A 84 18.14 -9.02 14.28
N LYS A 85 17.27 -10.00 14.55
CA LYS A 85 16.71 -10.82 13.48
C LYS A 85 15.88 -10.00 12.50
N ILE A 86 15.93 -10.41 11.23
CA ILE A 86 15.29 -9.72 10.12
C ILE A 86 14.19 -10.49 9.41
N PHE A 87 13.12 -9.80 9.02
CA PHE A 87 12.04 -10.40 8.24
C PHE A 87 12.14 -9.63 6.93
N VAL A 88 12.25 -10.35 5.81
CA VAL A 88 12.42 -9.72 4.51
C VAL A 88 11.28 -9.90 3.53
N ILE A 89 10.96 -8.81 2.83
CA ILE A 89 9.95 -8.80 1.78
C ILE A 89 10.74 -8.28 0.58
N GLY A 90 11.05 -9.16 -0.35
CA GLY A 90 11.81 -8.74 -1.52
C GLY A 90 12.35 -9.93 -2.29
N GLY A 91 13.09 -9.64 -3.35
CA GLY A 91 13.65 -10.70 -4.18
C GLY A 91 14.99 -11.23 -3.71
N GLU A 92 15.57 -12.10 -4.53
CA GLU A 92 16.86 -12.72 -4.25
C GLU A 92 17.93 -11.72 -3.83
N GLY A 93 18.05 -10.65 -4.60
CA GLY A 93 19.04 -9.62 -4.30
C GLY A 93 19.02 -9.14 -2.87
N LEU A 94 17.86 -8.68 -2.43
CA LEU A 94 17.70 -8.18 -1.07
C LEU A 94 17.90 -9.26 -0.01
N VAL A 95 17.36 -10.44 -0.26
CA VAL A 95 17.49 -11.56 0.69
C VAL A 95 18.97 -11.87 0.93
N LYS A 96 19.74 -11.89 -0.15
CA LYS A 96 21.17 -12.16 -0.08
C LYS A 96 21.92 -11.12 0.75
N GLU A 97 21.58 -9.84 0.55
CA GLU A 97 22.24 -8.78 1.30
C GLU A 97 21.89 -8.90 2.79
N MET A 98 20.63 -9.22 3.07
CA MET A 98 20.23 -9.36 4.46
C MET A 98 20.93 -10.55 5.11
N GLN A 99 21.16 -11.60 4.34
CA GLN A 99 21.86 -12.79 4.84
C GLN A 99 23.29 -12.41 5.22
N ALA A 100 23.96 -11.72 4.31
CA ALA A 100 25.33 -11.29 4.52
C ALA A 100 25.52 -10.52 5.82
N LEU A 101 24.44 -9.97 6.38
CA LEU A 101 24.55 -9.26 7.64
C LEU A 101 24.88 -10.24 8.75
N GLY A 102 24.36 -11.46 8.62
CA GLY A 102 24.61 -12.48 9.62
C GLY A 102 23.83 -12.28 10.89
N TRP A 103 22.83 -11.40 10.86
CA TRP A 103 22.02 -11.12 12.04
C TRP A 103 20.95 -12.18 12.27
N GLY A 104 20.62 -12.93 11.23
CA GLY A 104 19.59 -13.95 11.35
C GLY A 104 18.29 -13.52 10.69
N ILE A 105 17.79 -14.35 9.77
CA ILE A 105 16.55 -14.06 9.06
C ILE A 105 15.40 -14.95 9.51
N VAL A 106 14.28 -14.33 9.84
CA VAL A 106 13.09 -15.08 10.24
C VAL A 106 12.34 -15.41 8.96
N THR A 107 12.20 -16.71 8.68
CA THR A 107 11.50 -17.15 7.48
C THR A 107 9.99 -17.20 7.74
N LEU A 108 9.19 -17.40 6.69
CA LEU A 108 7.76 -17.46 6.88
C LEU A 108 7.36 -18.62 7.78
N ASP A 109 8.06 -19.74 7.66
CA ASP A 109 7.74 -20.90 8.52
C ASP A 109 7.98 -20.54 9.99
N GLU A 110 9.07 -19.83 10.29
CA GLU A 110 9.37 -19.45 11.65
C GLU A 110 8.32 -18.42 12.08
N ALA A 111 7.98 -17.48 11.21
CA ALA A 111 6.95 -16.48 11.55
C ALA A 111 5.61 -17.17 11.82
N ARG A 112 5.36 -18.29 11.13
CA ARG A 112 4.11 -19.04 11.31
C ARG A 112 4.05 -19.68 12.68
N GLN A 113 5.20 -19.85 13.33
CA GLN A 113 5.27 -20.44 14.66
C GLN A 113 5.13 -19.33 15.70
N GLY A 114 5.15 -18.10 15.23
CA GLY A 114 5.02 -16.95 16.11
C GLY A 114 6.31 -16.16 16.25
N SER A 115 7.33 -16.55 15.49
CA SER A 115 8.63 -15.88 15.55
C SER A 115 8.63 -14.47 14.98
N TRP A 116 7.47 -14.01 14.50
CA TRP A 116 7.40 -12.66 13.99
C TRP A 116 7.62 -11.72 15.18
N LYS A 117 7.39 -12.22 16.39
CA LYS A 117 7.58 -11.41 17.59
C LYS A 117 9.06 -11.21 17.91
N GLU A 118 9.91 -12.04 17.32
CA GLU A 118 11.34 -11.96 17.57
C GLU A 118 12.05 -11.15 16.49
N VAL A 119 11.28 -10.65 15.53
CA VAL A 119 11.84 -9.84 14.46
C VAL A 119 12.19 -8.46 14.99
N LYS A 120 13.43 -8.03 14.78
CA LYS A 120 13.87 -6.72 15.24
C LYS A 120 13.87 -5.69 14.11
N HIS A 121 13.94 -6.18 12.87
CA HIS A 121 14.03 -5.34 11.69
C HIS A 121 13.20 -5.91 10.54
N VAL A 122 12.35 -5.10 9.93
CA VAL A 122 11.59 -5.55 8.76
C VAL A 122 12.12 -4.75 7.59
N VAL A 123 12.60 -5.44 6.56
CA VAL A 123 13.14 -4.81 5.37
C VAL A 123 12.21 -5.07 4.20
N VAL A 124 11.80 -4.00 3.53
CA VAL A 124 10.85 -4.10 2.42
C VAL A 124 11.34 -3.54 1.09
N GLY A 125 11.41 -4.41 0.09
CA GLY A 125 11.82 -4.00 -1.24
C GLY A 125 10.78 -4.52 -2.21
N LEU A 126 11.02 -4.37 -3.50
CA LEU A 126 10.08 -4.87 -4.50
C LEU A 126 9.99 -6.38 -4.38
N ASP A 127 8.77 -6.90 -4.28
CA ASP A 127 8.59 -8.35 -4.17
C ASP A 127 7.51 -8.86 -5.13
N PRO A 128 7.93 -9.38 -6.29
CA PRO A 128 7.02 -9.90 -7.32
C PRO A 128 6.21 -11.10 -6.82
N ASP A 129 6.62 -11.66 -5.68
CA ASP A 129 5.94 -12.80 -5.11
C ASP A 129 5.29 -12.42 -3.79
N LEU A 130 4.90 -11.16 -3.69
CA LEU A 130 4.25 -10.65 -2.48
C LEU A 130 2.96 -11.41 -2.21
N THR A 131 2.64 -11.57 -0.93
CA THR A 131 1.41 -12.24 -0.53
C THR A 131 0.85 -11.50 0.67
N TYR A 132 -0.44 -11.68 0.93
CA TYR A 132 -1.06 -11.01 2.07
C TYR A 132 -0.38 -11.52 3.34
N GLU A 133 -0.01 -12.81 3.35
CA GLU A 133 0.63 -13.37 4.52
C GLU A 133 1.89 -12.59 4.88
N LYS A 134 2.71 -12.27 3.88
CA LYS A 134 3.92 -11.51 4.11
C LYS A 134 3.59 -10.15 4.70
N LEU A 135 2.59 -9.49 4.12
CA LEU A 135 2.18 -8.18 4.60
C LEU A 135 1.70 -8.29 6.05
N LYS A 136 1.03 -9.38 6.35
CA LYS A 136 0.50 -9.63 7.69
C LYS A 136 1.61 -9.69 8.74
N TYR A 137 2.61 -10.54 8.50
CA TYR A 137 3.69 -10.68 9.47
C TYR A 137 4.58 -9.44 9.54
N ALA A 138 4.72 -8.75 8.42
CA ALA A 138 5.54 -7.54 8.42
C ALA A 138 4.80 -6.51 9.27
N THR A 139 3.48 -6.47 9.13
CA THR A 139 2.65 -5.54 9.89
C THR A 139 2.74 -5.82 11.39
N LEU A 140 2.55 -7.09 11.77
CA LEU A 140 2.61 -7.50 13.18
C LEU A 140 3.97 -7.18 13.79
N ALA A 141 5.04 -7.52 13.09
CA ALA A 141 6.39 -7.27 13.57
C ALA A 141 6.66 -5.77 13.77
N ILE A 142 6.30 -4.96 12.78
CA ILE A 142 6.52 -3.52 12.89
C ILE A 142 5.70 -2.96 14.04
N ARG A 143 4.47 -3.45 14.18
CA ARG A 143 3.62 -2.98 15.27
C ARG A 143 4.22 -3.44 16.59
N ASN A 144 5.05 -4.49 16.52
CA ASN A 144 5.71 -5.02 17.70
C ASN A 144 7.09 -4.38 17.93
N GLY A 145 7.35 -3.27 17.26
CA GLY A 145 8.63 -2.59 17.46
C GLY A 145 9.74 -2.82 16.45
N ALA A 146 9.56 -3.74 15.52
CA ALA A 146 10.59 -3.98 14.52
C ALA A 146 10.78 -2.72 13.68
N THR A 147 12.03 -2.45 13.29
CA THR A 147 12.34 -1.30 12.46
C THR A 147 11.64 -1.41 11.12
N PHE A 148 11.04 -0.33 10.65
CA PHE A 148 10.37 -0.32 9.35
C PHE A 148 11.32 0.31 8.34
N ILE A 149 11.98 -0.54 7.55
CA ILE A 149 12.95 -0.11 6.55
C ILE A 149 12.46 -0.39 5.12
N GLY A 150 12.55 0.62 4.25
CA GLY A 150 12.15 0.45 2.86
C GLY A 150 13.37 0.65 1.98
N THR A 151 13.58 -0.22 0.99
CA THR A 151 14.74 -0.08 0.12
C THR A 151 14.73 1.14 -0.78
N ASN A 152 13.56 1.51 -1.29
CA ASN A 152 13.44 2.68 -2.16
C ASN A 152 12.02 3.21 -2.22
N PRO A 153 11.85 4.51 -2.52
CA PRO A 153 10.54 5.17 -2.61
C PRO A 153 9.75 4.96 -3.89
N ASP A 154 10.42 4.50 -4.94
CA ASP A 154 9.81 4.28 -6.24
C ASP A 154 8.39 3.71 -6.23
N ALA A 155 7.44 4.52 -6.66
CA ALA A 155 6.04 4.12 -6.71
C ALA A 155 5.80 3.02 -7.74
N THR A 156 6.58 3.05 -8.83
CA THR A 156 6.43 2.09 -9.91
C THR A 156 7.76 1.85 -10.62
N LEU A 157 7.76 0.89 -11.53
CA LEU A 157 8.93 0.58 -12.35
C LEU A 157 8.43 -0.05 -13.65
N PRO A 158 9.19 0.10 -14.74
CA PRO A 158 8.78 -0.48 -16.03
C PRO A 158 8.65 -1.99 -16.02
N GLY A 159 7.55 -2.48 -16.61
CA GLY A 159 7.29 -3.90 -16.69
C GLY A 159 7.05 -4.25 -18.14
N GLU A 160 7.09 -5.54 -18.46
CA GLU A 160 6.87 -5.98 -19.83
C GLU A 160 5.60 -5.36 -20.43
N GLU A 161 4.50 -5.52 -19.71
CA GLU A 161 3.20 -5.03 -20.16
C GLU A 161 2.86 -3.58 -19.83
N GLY A 162 3.79 -2.85 -19.22
CA GLY A 162 3.51 -1.46 -18.90
C GLY A 162 4.13 -1.02 -17.59
N ILE A 163 3.39 -0.22 -16.83
CA ILE A 163 3.88 0.29 -15.55
C ILE A 163 3.40 -0.62 -14.42
N TYR A 164 4.36 -1.23 -13.71
CA TYR A 164 4.07 -2.14 -12.60
C TYR A 164 4.28 -1.46 -11.24
N PRO A 165 3.68 -2.04 -10.18
CA PRO A 165 3.83 -1.46 -8.84
C PRO A 165 5.29 -1.62 -8.37
N GLY A 166 5.83 -0.58 -7.76
CA GLY A 166 7.20 -0.62 -7.28
C GLY A 166 7.27 -0.84 -5.79
N ALA A 167 8.49 -0.84 -5.24
CA ALA A 167 8.68 -1.04 -3.81
C ALA A 167 7.89 -0.03 -2.98
N GLY A 168 7.82 1.20 -3.48
CA GLY A 168 7.10 2.24 -2.77
C GLY A 168 5.63 1.94 -2.53
N SER A 169 5.01 1.21 -3.47
CA SER A 169 3.60 0.89 -3.31
C SER A 169 3.40 -0.15 -2.22
N ILE A 170 4.35 -1.09 -2.11
CA ILE A 170 4.26 -2.12 -1.08
C ILE A 170 4.55 -1.44 0.28
N ILE A 171 5.55 -0.58 0.30
CA ILE A 171 5.91 0.16 1.52
C ILE A 171 4.72 1.01 1.98
N ALA A 172 3.99 1.56 1.02
CA ALA A 172 2.83 2.39 1.34
C ALA A 172 1.74 1.60 2.06
N ALA A 173 1.48 0.38 1.59
CA ALA A 173 0.47 -0.48 2.21
C ALA A 173 0.82 -0.73 3.67
N LEU A 174 2.10 -0.99 3.94
CA LEU A 174 2.55 -1.27 5.30
C LEU A 174 2.53 -0.03 6.18
N LYS A 175 2.78 1.13 5.59
CA LYS A 175 2.75 2.38 6.35
C LYS A 175 1.32 2.57 6.86
N VAL A 176 0.35 2.29 5.99
CA VAL A 176 -1.06 2.42 6.36
C VAL A 176 -1.47 1.40 7.41
N ALA A 177 -0.99 0.17 7.26
CA ALA A 177 -1.34 -0.90 8.19
C ALA A 177 -0.66 -0.79 9.56
N THR A 178 0.49 -0.13 9.62
CA THR A 178 1.23 -0.02 10.88
C THR A 178 1.20 1.35 11.54
N ASN A 179 1.03 2.38 10.73
CA ASN A 179 1.02 3.75 11.22
C ASN A 179 2.44 4.13 11.68
N VAL A 180 3.42 3.56 11.01
CA VAL A 180 4.82 3.82 11.30
C VAL A 180 5.46 4.42 10.05
N GLU A 181 6.24 5.47 10.22
CA GLU A 181 6.94 6.12 9.10
C GLU A 181 8.12 5.24 8.73
N PRO A 182 8.18 4.76 7.48
CA PRO A 182 9.31 3.91 7.12
C PRO A 182 10.60 4.70 6.87
N ILE A 183 11.73 4.07 7.16
CA ILE A 183 13.02 4.69 6.93
C ILE A 183 13.38 4.22 5.51
N ILE A 184 13.40 5.16 4.56
CA ILE A 184 13.70 4.81 3.17
C ILE A 184 15.19 4.98 2.83
N ILE A 185 15.77 3.92 2.28
CA ILE A 185 17.18 3.88 1.93
C ILE A 185 17.57 4.54 0.60
N GLY A 186 16.97 4.04 -0.49
CA GLY A 186 17.27 4.51 -1.84
C GLY A 186 17.09 5.99 -2.15
N LYS A 187 17.74 6.46 -3.23
CA LYS A 187 17.64 7.87 -3.64
C LYS A 187 16.20 8.35 -3.79
N PRO A 188 15.91 9.62 -3.49
CA PRO A 188 16.78 10.69 -3.02
C PRO A 188 17.13 10.68 -1.53
N ASN A 189 16.80 9.61 -0.79
CA ASN A 189 17.09 9.55 0.64
C ASN A 189 18.58 9.52 0.98
N GLU A 190 18.91 10.06 2.15
CA GLU A 190 20.29 10.17 2.57
C GLU A 190 21.09 8.88 2.78
N PRO A 191 20.43 7.81 3.24
CA PRO A 191 21.20 6.59 3.45
C PRO A 191 22.01 6.14 2.23
N MET A 192 21.41 6.21 1.04
CA MET A 192 22.13 5.79 -0.17
C MET A 192 23.29 6.74 -0.47
N TYR A 193 23.14 8.02 -0.16
CA TYR A 193 24.22 8.97 -0.40
C TYR A 193 25.38 8.65 0.54
N GLU A 194 25.04 8.41 1.81
CA GLU A 194 26.05 8.08 2.81
C GLU A 194 26.94 6.94 2.35
N VAL A 195 26.33 5.96 1.68
CA VAL A 195 27.06 4.80 1.16
C VAL A 195 28.05 5.18 0.07
N VAL A 196 27.55 5.95 -0.89
CA VAL A 196 28.35 6.42 -2.02
C VAL A 196 29.49 7.30 -1.49
N ARG A 197 29.14 8.25 -0.63
CA ARG A 197 30.10 9.17 -0.02
C ARG A 197 31.28 8.41 0.60
N GLU A 198 30.97 7.41 1.42
CA GLU A 198 32.01 6.61 2.08
C GLU A 198 32.83 5.74 1.14
N MET A 199 32.32 5.50 -0.05
CA MET A 199 33.02 4.68 -1.02
C MET A 199 34.11 5.49 -1.72
N PHE A 200 33.86 6.78 -1.88
CA PHE A 200 34.81 7.65 -2.55
C PHE A 200 35.22 8.83 -1.70
N PRO A 201 35.96 8.57 -0.61
CA PRO A 201 36.41 9.64 0.27
C PRO A 201 37.30 10.61 -0.48
N GLY A 202 37.16 11.90 -0.19
CA GLY A 202 37.99 12.91 -0.83
C GLY A 202 37.72 13.23 -2.28
N GLU A 203 36.68 12.64 -2.86
CA GLU A 203 36.33 12.88 -4.26
C GLU A 203 35.15 13.82 -4.43
N GLU A 204 35.21 14.68 -5.45
CA GLU A 204 34.10 15.56 -5.76
C GLU A 204 33.14 14.61 -6.48
N LEU A 205 31.89 14.54 -6.03
CA LEU A 205 30.94 13.63 -6.64
C LEU A 205 30.01 14.24 -7.70
N TRP A 206 29.87 13.51 -8.80
CA TRP A 206 28.98 13.92 -9.89
C TRP A 206 27.92 12.83 -9.97
N MET A 207 26.65 13.22 -9.98
CA MET A 207 25.54 12.27 -10.08
C MET A 207 24.92 12.40 -11.46
N VAL A 208 24.84 11.28 -12.19
CA VAL A 208 24.26 11.28 -13.53
C VAL A 208 23.00 10.43 -13.54
N GLY A 209 21.86 11.06 -13.84
CA GLY A 209 20.61 10.34 -13.87
C GLY A 209 19.59 10.89 -14.86
N ASP A 210 18.48 10.18 -15.04
CA ASP A 210 17.43 10.59 -15.97
C ASP A 210 16.13 10.97 -15.27
N ARG A 211 16.08 10.82 -13.95
CA ARG A 211 14.85 11.17 -13.22
C ARG A 211 15.08 12.40 -12.33
N LEU A 212 14.27 13.43 -12.57
CA LEU A 212 14.35 14.67 -11.80
C LEU A 212 13.96 14.45 -10.35
N ASP A 213 12.85 13.76 -10.14
CA ASP A 213 12.37 13.51 -8.78
C ASP A 213 13.21 12.56 -7.93
N THR A 214 14.13 11.82 -8.54
CA THR A 214 14.98 10.96 -7.70
C THR A 214 16.47 11.28 -7.86
N ASP A 215 17.02 11.11 -9.06
CA ASP A 215 18.44 11.37 -9.26
C ASP A 215 18.87 12.83 -9.05
N ILE A 216 18.16 13.76 -9.68
CA ILE A 216 18.52 15.17 -9.57
C ILE A 216 18.24 15.69 -8.16
N ALA A 217 17.13 15.27 -7.58
CA ALA A 217 16.79 15.67 -6.23
C ALA A 217 17.89 15.15 -5.31
N PHE A 218 18.33 13.92 -5.57
CA PHE A 218 19.38 13.25 -4.82
C PHE A 218 20.67 14.08 -4.84
N ALA A 219 21.09 14.46 -6.04
CA ALA A 219 22.31 15.25 -6.22
C ALA A 219 22.24 16.62 -5.52
N LYS A 220 21.15 17.36 -5.76
CA LYS A 220 21.00 18.70 -5.16
C LYS A 220 20.84 18.67 -3.65
N LYS A 221 20.22 17.64 -3.11
CA LYS A 221 20.05 17.56 -1.66
C LYS A 221 21.36 17.30 -0.94
N PHE A 222 22.24 16.53 -1.56
CA PHE A 222 23.50 16.16 -0.92
C PHE A 222 24.78 16.74 -1.52
N GLY A 223 24.64 17.80 -2.30
CA GLY A 223 25.81 18.45 -2.88
C GLY A 223 26.58 17.81 -4.02
N MET A 224 25.96 16.93 -4.79
CA MET A 224 26.64 16.32 -5.92
C MET A 224 26.30 17.16 -7.15
N LYS A 225 27.21 17.19 -8.13
CA LYS A 225 26.90 17.94 -9.35
C LYS A 225 25.74 17.17 -9.96
N ALA A 226 24.60 17.83 -10.16
CA ALA A 226 23.42 17.20 -10.72
C ALA A 226 23.41 17.23 -12.25
N ILE A 227 23.77 16.10 -12.85
CA ILE A 227 23.81 15.98 -14.30
C ILE A 227 22.62 15.14 -14.77
N MET A 228 21.77 15.75 -15.58
CA MET A 228 20.60 15.05 -16.11
C MET A 228 20.84 14.72 -17.57
N VAL A 229 20.49 13.50 -17.97
CA VAL A 229 20.62 13.07 -19.36
C VAL A 229 19.20 12.95 -19.88
N LEU A 230 19.03 13.06 -21.19
CA LEU A 230 17.71 13.01 -21.81
C LEU A 230 17.33 11.66 -22.41
N THR A 231 18.13 10.64 -22.13
CA THR A 231 17.90 9.30 -22.65
C THR A 231 16.90 8.48 -21.83
N GLY A 232 16.31 9.09 -20.81
CA GLY A 232 15.39 8.34 -19.97
C GLY A 232 14.04 9.00 -19.70
N VAL A 233 13.60 8.90 -18.44
CA VAL A 233 12.31 9.44 -18.02
C VAL A 233 12.06 10.94 -18.17
N SER A 234 12.93 11.76 -17.59
CA SER A 234 12.74 13.21 -17.63
C SER A 234 13.12 13.91 -18.93
N SER A 235 12.41 14.98 -19.22
CA SER A 235 12.63 15.79 -20.42
C SER A 235 12.91 17.23 -19.99
N LEU A 236 13.34 18.07 -20.94
CA LEU A 236 13.61 19.46 -20.62
C LEU A 236 12.36 20.14 -20.05
N GLU A 237 11.24 19.92 -20.70
CA GLU A 237 9.98 20.52 -20.25
C GLU A 237 9.66 20.16 -18.80
N ASP A 238 10.01 18.96 -18.39
CA ASP A 238 9.74 18.51 -17.03
C ASP A 238 10.47 19.35 -15.97
N ILE A 239 11.56 19.98 -16.37
CA ILE A 239 12.35 20.79 -15.43
C ILE A 239 11.60 21.99 -14.88
N LYS A 240 10.73 22.57 -15.71
CA LYS A 240 9.94 23.73 -15.30
C LYS A 240 9.25 23.58 -13.95
N LYS A 241 8.45 22.55 -13.79
CA LYS A 241 7.74 22.36 -12.52
C LYS A 241 8.46 21.50 -11.49
N SER A 242 9.62 20.95 -11.87
CA SER A 242 10.40 20.13 -10.95
C SER A 242 10.89 20.93 -9.75
N GLU A 243 10.88 20.30 -8.57
CA GLU A 243 11.32 20.94 -7.33
C GLU A 243 12.82 21.21 -7.36
N TYR A 244 13.59 20.21 -7.79
CA TYR A 244 15.03 20.37 -7.88
C TYR A 244 15.46 20.52 -9.34
N LYS A 245 16.46 21.36 -9.58
CA LYS A 245 16.95 21.64 -10.92
C LYS A 245 18.36 21.10 -11.21
N PRO A 246 18.57 20.52 -12.39
CA PRO A 246 19.88 19.98 -12.77
C PRO A 246 20.89 21.09 -12.97
N ASP A 247 22.16 20.80 -12.69
CA ASP A 247 23.21 21.79 -12.88
C ASP A 247 23.62 21.79 -14.34
N LEU A 248 23.51 20.62 -14.96
CA LEU A 248 23.88 20.44 -16.36
C LEU A 248 22.99 19.39 -16.99
N VAL A 249 22.56 19.65 -18.23
CA VAL A 249 21.73 18.71 -18.96
C VAL A 249 22.49 18.28 -20.22
N LEU A 250 22.60 16.97 -20.43
CA LEU A 250 23.29 16.42 -21.60
C LEU A 250 22.35 15.48 -22.37
N PRO A 251 22.57 15.36 -23.68
CA PRO A 251 21.70 14.46 -24.44
C PRO A 251 21.83 13.04 -23.88
N SER A 252 23.06 12.63 -23.60
CA SER A 252 23.33 11.29 -23.08
C SER A 252 24.64 11.26 -22.30
N VAL A 253 24.97 10.13 -21.68
CA VAL A 253 26.21 10.02 -20.92
C VAL A 253 27.42 10.13 -21.83
N TYR A 254 27.22 9.89 -23.12
CA TYR A 254 28.32 9.96 -24.07
C TYR A 254 28.94 11.36 -24.18
N GLU A 255 28.11 12.39 -24.16
CA GLU A 255 28.58 13.78 -24.27
C GLU A 255 29.39 14.19 -23.06
N LEU A 256 29.55 13.26 -22.12
CA LEU A 256 30.29 13.51 -20.89
C LEU A 256 31.80 13.41 -21.11
N ILE A 257 32.20 12.66 -22.13
CA ILE A 257 33.62 12.45 -22.42
C ILE A 257 34.52 13.68 -22.53
N ASP A 258 34.12 14.69 -23.30
CA ASP A 258 34.95 15.89 -23.44
C ASP A 258 35.24 16.62 -22.12
N TYR A 259 34.35 16.49 -21.13
CA TYR A 259 34.51 17.16 -19.84
C TYR A 259 35.63 16.60 -18.99
N LEU A 260 35.98 15.36 -19.28
CA LEU A 260 36.96 14.72 -18.44
C LEU A 260 38.36 14.87 -19.05
N LYS A 261 38.40 15.67 -20.14
CA LYS A 261 39.70 16.11 -20.67
C LYS A 261 39.58 17.53 -21.22
N MET B 1 -39.42 10.15 13.52
CA MET B 1 -39.35 8.75 13.07
C MET B 1 -37.90 8.35 12.89
N VAL B 2 -37.31 7.93 14.01
CA VAL B 2 -35.91 7.53 14.06
C VAL B 2 -35.63 6.12 13.56
N ALA B 3 -34.52 5.98 12.84
CA ALA B 3 -34.03 4.70 12.32
C ALA B 3 -32.62 4.59 12.86
N ILE B 4 -32.26 3.43 13.38
CA ILE B 4 -30.93 3.26 13.94
C ILE B 4 -30.05 2.34 13.12
N ILE B 5 -28.86 2.82 12.78
CA ILE B 5 -27.90 2.06 11.99
C ILE B 5 -26.79 1.58 12.94
N PHE B 6 -26.50 0.28 12.93
CA PHE B 6 -25.46 -0.27 13.79
C PHE B 6 -24.27 -0.87 13.06
N ASP B 7 -23.08 -0.51 13.52
CA ASP B 7 -21.86 -1.11 12.98
C ASP B 7 -21.95 -2.48 13.64
N MET B 8 -21.19 -3.46 13.18
CA MET B 8 -21.26 -4.79 13.78
C MET B 8 -20.17 -5.18 14.77
N ASP B 9 -18.98 -5.53 14.28
CA ASP B 9 -17.90 -5.95 15.17
C ASP B 9 -17.54 -4.86 16.19
N GLY B 10 -17.55 -5.22 17.47
CA GLY B 10 -17.24 -4.24 18.51
C GLY B 10 -18.48 -3.51 18.98
N VAL B 11 -19.62 -3.81 18.35
CA VAL B 11 -20.89 -3.18 18.68
C VAL B 11 -21.97 -4.21 19.02
N LEU B 12 -22.22 -5.14 18.10
CA LEU B 12 -23.24 -6.16 18.31
C LEU B 12 -22.63 -7.42 18.89
N TYR B 13 -21.31 -7.50 18.80
CA TYR B 13 -20.55 -8.64 19.31
C TYR B 13 -19.09 -8.23 19.22
N ARG B 14 -18.22 -9.02 19.83
CA ARG B 14 -16.80 -8.72 19.78
C ARG B 14 -16.07 -10.01 19.44
N GLY B 15 -15.73 -10.15 18.17
CA GLY B 15 -15.05 -11.35 17.71
C GLY B 15 -15.98 -12.54 17.85
N ASN B 16 -15.57 -13.52 18.64
CA ASN B 16 -16.38 -14.70 18.87
C ASN B 16 -17.06 -14.64 20.24
N ARG B 17 -17.24 -13.42 20.73
CA ARG B 17 -17.87 -13.24 22.03
C ARG B 17 -19.16 -12.46 21.90
N ALA B 18 -20.22 -12.95 22.55
CA ALA B 18 -21.51 -12.27 22.49
C ALA B 18 -21.50 -11.07 23.44
N ILE B 19 -22.22 -10.02 23.07
CA ILE B 19 -22.32 -8.85 23.94
C ILE B 19 -23.68 -8.97 24.61
N PRO B 20 -23.70 -8.93 25.95
CA PRO B 20 -24.93 -9.04 26.72
C PRO B 20 -25.99 -8.00 26.36
N GLY B 21 -27.25 -8.42 26.35
CA GLY B 21 -28.36 -7.52 26.07
C GLY B 21 -28.67 -7.17 24.62
N VAL B 22 -27.88 -7.64 23.68
CA VAL B 22 -28.16 -7.31 22.28
C VAL B 22 -29.52 -7.83 21.80
N ARG B 23 -29.86 -9.07 22.15
CA ARG B 23 -31.16 -9.63 21.74
C ARG B 23 -32.30 -8.77 22.29
N GLU B 24 -32.16 -8.34 23.54
CA GLU B 24 -33.18 -7.49 24.15
C GLU B 24 -33.35 -6.20 23.41
N LEU B 25 -32.23 -5.58 23.06
CA LEU B 25 -32.26 -4.33 22.31
C LEU B 25 -33.04 -4.52 21.02
N ILE B 26 -32.65 -5.51 20.23
CA ILE B 26 -33.31 -5.79 18.96
C ILE B 26 -34.80 -6.12 19.16
N GLU B 27 -35.14 -6.83 20.22
CA GLU B 27 -36.54 -7.15 20.47
C GLU B 27 -37.29 -5.89 20.85
N PHE B 28 -36.56 -4.96 21.47
CA PHE B 28 -37.13 -3.69 21.88
C PHE B 28 -37.41 -2.77 20.69
N LEU B 29 -36.47 -2.69 19.76
CA LEU B 29 -36.64 -1.82 18.60
C LEU B 29 -37.88 -2.23 17.80
N LYS B 30 -38.10 -3.53 17.68
CA LYS B 30 -39.26 -4.05 16.96
C LYS B 30 -40.57 -3.69 17.67
N GLU B 31 -40.54 -3.75 18.99
CA GLU B 31 -41.71 -3.42 19.80
C GLU B 31 -42.09 -1.95 19.64
N ARG B 32 -41.08 -1.09 19.56
CA ARG B 32 -41.29 0.34 19.42
C ARG B 32 -41.45 0.74 17.96
N GLY B 33 -41.36 -0.24 17.08
CA GLY B 33 -41.50 0.01 15.66
C GLY B 33 -40.31 0.72 15.04
N ILE B 34 -39.23 0.85 15.81
CA ILE B 34 -38.02 1.53 15.36
C ILE B 34 -37.25 0.75 14.28
N PRO B 35 -37.18 1.29 13.05
CA PRO B 35 -36.47 0.61 11.97
C PRO B 35 -34.97 0.64 12.25
N PHE B 36 -34.26 -0.40 11.82
CA PHE B 36 -32.83 -0.45 12.04
C PHE B 36 -32.14 -1.26 10.96
N ALA B 37 -30.83 -1.09 10.86
CA ALA B 37 -30.05 -1.82 9.87
C ALA B 37 -28.62 -1.94 10.39
N PHE B 38 -27.92 -2.97 9.93
CA PHE B 38 -26.55 -3.20 10.33
C PHE B 38 -25.70 -2.74 9.14
N LEU B 39 -24.58 -2.08 9.44
CA LEU B 39 -23.73 -1.55 8.39
C LEU B 39 -22.26 -1.82 8.61
N THR B 40 -21.72 -2.79 7.87
CA THR B 40 -20.30 -3.15 8.00
C THR B 40 -19.45 -2.80 6.77
N ASN B 41 -18.24 -2.31 7.02
CA ASN B 41 -17.28 -1.96 5.98
C ASN B 41 -16.61 -3.21 5.40
N ASN B 42 -16.80 -4.33 6.09
CA ASN B 42 -16.17 -5.57 5.65
C ASN B 42 -16.86 -6.09 4.39
N SER B 43 -16.06 -6.45 3.38
CA SER B 43 -16.63 -6.94 2.13
C SER B 43 -16.33 -8.40 1.81
N THR B 44 -15.72 -9.10 2.75
CA THR B 44 -15.37 -10.51 2.52
C THR B 44 -16.58 -11.47 2.61
N LYS B 45 -17.64 -11.02 3.31
CA LYS B 45 -18.79 -11.89 3.53
C LYS B 45 -20.09 -11.30 2.99
N THR B 46 -21.04 -12.20 2.61
CA THR B 46 -22.34 -11.70 2.19
C THR B 46 -23.25 -11.40 3.37
N PRO B 47 -24.28 -10.60 3.11
CA PRO B 47 -25.34 -10.36 4.08
C PRO B 47 -25.88 -11.67 4.64
N GLU B 48 -26.06 -12.66 3.74
CA GLU B 48 -26.49 -13.98 4.20
C GLU B 48 -25.53 -14.58 5.22
N MET B 49 -24.24 -14.54 4.89
CA MET B 49 -23.21 -15.07 5.78
C MET B 49 -23.25 -14.34 7.11
N TYR B 50 -23.49 -13.04 7.07
CA TYR B 50 -23.53 -12.27 8.29
C TYR B 50 -24.74 -12.62 9.14
N ARG B 51 -25.86 -12.94 8.50
CA ARG B 51 -27.04 -13.34 9.25
C ARG B 51 -26.70 -14.58 10.06
N GLU B 52 -25.93 -15.50 9.46
CA GLU B 52 -25.55 -16.71 10.16
C GLU B 52 -24.62 -16.39 11.34
N LYS B 53 -23.64 -15.53 11.11
CA LYS B 53 -22.72 -15.17 12.19
C LYS B 53 -23.51 -14.55 13.35
N LEU B 54 -24.44 -13.66 13.02
CA LEU B 54 -25.25 -13.02 14.03
C LEU B 54 -26.05 -14.04 14.82
N LEU B 55 -26.64 -15.00 14.11
CA LEU B 55 -27.41 -16.06 14.77
C LEU B 55 -26.53 -16.71 15.82
N LYS B 56 -25.29 -16.99 15.47
CA LYS B 56 -24.32 -17.63 16.37
C LYS B 56 -24.03 -16.77 17.59
N MET B 57 -24.23 -15.47 17.44
CA MET B 57 -24.00 -14.55 18.55
C MET B 57 -25.29 -14.25 19.30
N GLY B 58 -26.32 -15.07 19.06
CA GLY B 58 -27.59 -14.92 19.73
C GLY B 58 -28.53 -13.88 19.16
N ILE B 59 -28.28 -13.52 17.91
CA ILE B 59 -29.06 -12.50 17.22
C ILE B 59 -29.75 -12.98 15.94
N ASP B 60 -31.06 -12.74 15.85
CA ASP B 60 -31.82 -13.15 14.68
C ASP B 60 -32.39 -11.96 13.93
N VAL B 61 -31.86 -11.70 12.74
CA VAL B 61 -32.33 -10.60 11.89
C VAL B 61 -32.25 -11.04 10.45
N SER B 62 -33.07 -10.42 9.61
CA SER B 62 -33.09 -10.74 8.19
C SER B 62 -31.84 -10.20 7.49
N SER B 63 -31.29 -10.95 6.55
CA SER B 63 -30.12 -10.51 5.81
C SER B 63 -30.50 -9.25 5.01
N SER B 64 -31.79 -8.96 4.92
CA SER B 64 -32.23 -7.80 4.17
C SER B 64 -31.87 -6.46 4.84
N ILE B 65 -31.60 -6.47 6.14
CA ILE B 65 -31.23 -5.21 6.79
C ILE B 65 -29.73 -5.17 7.09
N ILE B 66 -28.99 -6.12 6.52
CA ILE B 66 -27.54 -6.18 6.70
C ILE B 66 -26.85 -5.60 5.46
N ILE B 67 -26.23 -4.44 5.61
CA ILE B 67 -25.56 -3.78 4.50
C ILE B 67 -24.04 -3.91 4.63
N THR B 68 -23.43 -4.54 3.64
CA THR B 68 -21.99 -4.73 3.62
C THR B 68 -21.41 -3.75 2.60
N SER B 69 -20.12 -3.47 2.71
CA SER B 69 -19.51 -2.55 1.76
C SER B 69 -19.63 -3.14 0.36
N GLY B 70 -19.61 -4.48 0.27
CA GLY B 70 -19.73 -5.14 -1.02
C GLY B 70 -21.07 -4.87 -1.66
N LEU B 71 -22.13 -4.91 -0.86
CA LEU B 71 -23.43 -4.67 -1.43
C LEU B 71 -23.56 -3.19 -1.77
N ALA B 72 -23.03 -2.31 -0.93
CA ALA B 72 -23.04 -0.88 -1.22
C ALA B 72 -22.26 -0.59 -2.51
N THR B 73 -21.18 -1.33 -2.72
CA THR B 73 -20.36 -1.14 -3.92
C THR B 73 -21.15 -1.51 -5.17
N ARG B 74 -21.83 -2.66 -5.13
CA ARG B 74 -22.65 -3.08 -6.27
C ARG B 74 -23.72 -2.04 -6.55
N LEU B 75 -24.41 -1.59 -5.51
CA LEU B 75 -25.47 -0.58 -5.65
C LEU B 75 -24.92 0.73 -6.21
N TYR B 76 -23.74 1.12 -5.78
CA TYR B 76 -23.12 2.35 -6.28
C TYR B 76 -22.83 2.21 -7.78
N MET B 77 -22.18 1.10 -8.15
CA MET B 77 -21.84 0.84 -9.54
C MET B 77 -23.08 0.83 -10.43
N SER B 78 -24.12 0.13 -9.99
CA SER B 78 -25.35 0.04 -10.74
C SER B 78 -25.99 1.40 -11.00
N LYS B 79 -25.99 2.24 -9.97
CA LYS B 79 -26.60 3.56 -10.04
C LYS B 79 -25.78 4.66 -10.72
N HIS B 80 -24.46 4.63 -10.56
CA HIS B 80 -23.62 5.70 -11.09
C HIS B 80 -22.57 5.39 -12.15
N LEU B 81 -22.43 4.14 -12.57
CA LEU B 81 -21.42 3.85 -13.58
C LEU B 81 -21.99 3.13 -14.78
N ASP B 82 -21.20 3.02 -15.84
CA ASP B 82 -21.65 2.35 -17.05
C ASP B 82 -21.16 0.91 -17.04
N PRO B 83 -22.08 -0.05 -17.28
CA PRO B 83 -21.72 -1.46 -17.28
C PRO B 83 -20.47 -1.77 -18.10
N GLY B 84 -19.58 -2.56 -17.52
CA GLY B 84 -18.35 -2.94 -18.18
C GLY B 84 -17.73 -4.07 -17.39
N LYS B 85 -16.73 -4.75 -17.98
CA LYS B 85 -16.10 -5.86 -17.28
C LYS B 85 -15.36 -5.43 -16.02
N ILE B 86 -15.44 -6.27 -15.01
CA ILE B 86 -14.84 -6.01 -13.71
C ILE B 86 -13.69 -6.97 -13.34
N PHE B 87 -12.66 -6.40 -12.72
CA PHE B 87 -11.56 -7.20 -12.23
C PHE B 87 -11.68 -7.01 -10.72
N VAL B 88 -11.72 -8.11 -9.98
CA VAL B 88 -11.89 -8.03 -8.54
C VAL B 88 -10.73 -8.52 -7.69
N ILE B 89 -10.45 -7.77 -6.63
CA ILE B 89 -9.44 -8.14 -5.65
C ILE B 89 -10.24 -8.18 -4.37
N GLY B 90 -10.46 -9.37 -3.83
CA GLY B 90 -11.23 -9.49 -2.62
C GLY B 90 -11.73 -10.89 -2.36
N GLY B 91 -12.57 -11.03 -1.34
CA GLY B 91 -13.10 -12.33 -0.97
C GLY B 91 -14.42 -12.71 -1.60
N GLU B 92 -14.87 -13.90 -1.25
CA GLU B 92 -16.11 -14.47 -1.74
C GLU B 92 -17.29 -13.50 -1.76
N GLY B 93 -17.49 -12.80 -0.65
CA GLY B 93 -18.59 -11.86 -0.57
C GLY B 93 -18.57 -10.83 -1.69
N LEU B 94 -17.41 -10.22 -1.92
CA LEU B 94 -17.28 -9.20 -2.95
C LEU B 94 -17.46 -9.78 -4.34
N VAL B 95 -16.85 -10.94 -4.60
CA VAL B 95 -16.97 -11.58 -5.91
C VAL B 95 -18.43 -11.86 -6.22
N LYS B 96 -19.17 -12.35 -5.22
CA LYS B 96 -20.59 -12.66 -5.39
C LYS B 96 -21.41 -11.43 -5.76
N GLU B 97 -21.13 -10.31 -5.10
CA GLU B 97 -21.85 -9.07 -5.38
C GLU B 97 -21.55 -8.58 -6.79
N MET B 98 -20.31 -8.73 -7.24
CA MET B 98 -19.95 -8.28 -8.57
C MET B 98 -20.56 -9.22 -9.62
N GLN B 99 -20.64 -10.50 -9.30
CA GLN B 99 -21.25 -11.46 -10.22
C GLN B 99 -22.72 -11.10 -10.39
N ALA B 100 -23.35 -10.67 -9.30
CA ALA B 100 -24.75 -10.28 -9.32
C ALA B 100 -25.02 -9.11 -10.28
N LEU B 101 -24.03 -8.25 -10.48
CA LEU B 101 -24.19 -7.12 -11.39
C LEU B 101 -24.41 -7.67 -12.80
N GLY B 102 -23.80 -8.82 -13.07
CA GLY B 102 -23.93 -9.44 -14.37
C GLY B 102 -23.16 -8.73 -15.45
N TRP B 103 -22.23 -7.86 -15.07
CA TRP B 103 -21.42 -7.12 -16.03
C TRP B 103 -20.29 -7.96 -16.63
N GLY B 104 -19.99 -9.07 -15.98
CA GLY B 104 -18.91 -9.93 -16.45
C GLY B 104 -17.62 -9.66 -15.70
N ILE B 105 -17.03 -10.72 -15.16
CA ILE B 105 -15.79 -10.60 -14.40
C ILE B 105 -14.60 -11.20 -15.15
N VAL B 106 -13.51 -10.44 -15.22
CA VAL B 106 -12.29 -10.92 -15.86
C VAL B 106 -11.51 -11.65 -14.77
N THR B 107 -11.30 -12.94 -14.95
CA THR B 107 -10.58 -13.73 -13.97
C THR B 107 -9.08 -13.52 -14.06
N LEU B 108 -8.35 -14.00 -13.06
CA LEU B 108 -6.90 -13.87 -13.04
C LEU B 108 -6.30 -14.55 -14.25
N ASP B 109 -6.85 -15.70 -14.61
CA ASP B 109 -6.34 -16.45 -15.75
C ASP B 109 -6.54 -15.69 -17.05
N GLU B 110 -7.73 -15.13 -17.24
CA GLU B 110 -8.02 -14.37 -18.44
C GLU B 110 -7.09 -13.15 -18.45
N ALA B 111 -6.85 -12.59 -17.27
CA ALA B 111 -5.96 -11.44 -17.13
C ALA B 111 -4.55 -11.81 -17.60
N ARG B 112 -4.09 -13.00 -17.23
CA ARG B 112 -2.76 -13.47 -17.62
C ARG B 112 -2.64 -13.55 -19.14
N GLN B 113 -3.78 -13.76 -19.80
CA GLN B 113 -3.82 -13.86 -21.26
C GLN B 113 -3.92 -12.48 -21.89
N GLY B 114 -3.96 -11.45 -21.04
CA GLY B 114 -4.03 -10.09 -21.54
C GLY B 114 -5.38 -9.37 -21.44
N SER B 115 -6.37 -10.05 -20.88
CA SER B 115 -7.71 -9.48 -20.75
C SER B 115 -7.83 -8.29 -19.81
N TRP B 116 -6.77 -8.00 -19.05
CA TRP B 116 -6.80 -6.86 -18.15
C TRP B 116 -7.03 -5.60 -19.00
N LYS B 117 -6.62 -5.70 -20.26
CA LYS B 117 -6.73 -4.62 -21.26
C LYS B 117 -8.19 -4.26 -21.52
N GLU B 118 -9.09 -5.23 -21.32
CA GLU B 118 -10.51 -4.98 -21.55
C GLU B 118 -11.31 -4.63 -20.28
N VAL B 119 -10.64 -4.60 -19.13
CA VAL B 119 -11.30 -4.28 -17.87
C VAL B 119 -11.76 -2.81 -17.81
N LYS B 120 -13.01 -2.59 -17.42
CA LYS B 120 -13.54 -1.23 -17.32
C LYS B 120 -13.63 -0.74 -15.88
N HIS B 121 -13.71 -1.67 -14.94
CA HIS B 121 -13.81 -1.33 -13.51
C HIS B 121 -12.96 -2.27 -12.66
N VAL B 122 -12.19 -1.68 -11.74
CA VAL B 122 -11.38 -2.46 -10.81
C VAL B 122 -11.95 -2.23 -9.41
N VAL B 123 -12.37 -3.31 -8.77
CA VAL B 123 -12.96 -3.24 -7.43
C VAL B 123 -12.02 -3.90 -6.42
N VAL B 124 -11.63 -3.14 -5.40
CA VAL B 124 -10.69 -3.62 -4.40
C VAL B 124 -11.26 -3.64 -2.99
N GLY B 125 -11.27 -4.83 -2.40
CA GLY B 125 -11.74 -4.98 -1.04
C GLY B 125 -10.67 -5.76 -0.30
N LEU B 126 -10.96 -6.20 0.92
CA LEU B 126 -9.98 -6.96 1.68
C LEU B 126 -9.76 -8.32 1.00
N ASP B 127 -8.50 -8.61 0.65
CA ASP B 127 -8.16 -9.87 0.00
C ASP B 127 -7.10 -10.60 0.83
N PRO B 128 -7.52 -11.59 1.63
CA PRO B 128 -6.61 -12.36 2.48
C PRO B 128 -5.62 -13.17 1.65
N ASP B 129 -5.93 -13.35 0.37
CA ASP B 129 -5.08 -14.11 -0.53
C ASP B 129 -4.45 -13.21 -1.58
N LEU B 130 -4.20 -11.95 -1.19
CA LEU B 130 -3.60 -10.98 -2.10
C LEU B 130 -2.24 -11.45 -2.60
N THR B 131 -1.92 -11.12 -3.84
CA THR B 131 -0.63 -11.48 -4.42
C THR B 131 -0.16 -10.27 -5.19
N TYR B 132 1.13 -10.23 -5.48
CA TYR B 132 1.68 -9.13 -6.26
C TYR B 132 1.02 -9.15 -7.63
N GLU B 133 0.83 -10.35 -8.17
CA GLU B 133 0.22 -10.51 -9.49
C GLU B 133 -1.11 -9.78 -9.57
N LYS B 134 -1.93 -9.90 -8.54
CA LYS B 134 -3.22 -9.21 -8.53
C LYS B 134 -3.01 -7.69 -8.57
N LEU B 135 -2.09 -7.19 -7.76
CA LEU B 135 -1.80 -5.75 -7.74
C LEU B 135 -1.34 -5.29 -9.13
N LYS B 136 -0.57 -6.14 -9.80
CA LYS B 136 -0.05 -5.83 -11.12
C LYS B 136 -1.17 -5.59 -12.14
N TYR B 137 -2.05 -6.59 -12.32
CA TYR B 137 -3.13 -6.43 -13.28
C TYR B 137 -4.09 -5.31 -12.90
N ALA B 138 -4.32 -5.12 -11.61
CA ALA B 138 -5.21 -4.05 -11.17
C ALA B 138 -4.60 -2.71 -11.56
N THR B 139 -3.29 -2.59 -11.38
CA THR B 139 -2.58 -1.37 -11.71
C THR B 139 -2.60 -1.13 -13.22
N LEU B 140 -2.32 -2.17 -13.99
CA LEU B 140 -2.31 -2.04 -15.44
C LEU B 140 -3.70 -1.62 -15.93
N ALA B 141 -4.74 -2.24 -15.38
CA ALA B 141 -6.10 -1.92 -15.77
C ALA B 141 -6.50 -0.48 -15.40
N ILE B 142 -6.26 -0.10 -14.14
CA ILE B 142 -6.58 1.26 -13.70
C ILE B 142 -5.81 2.30 -14.53
N ARG B 143 -4.56 1.99 -14.86
CA ARG B 143 -3.74 2.88 -15.68
C ARG B 143 -4.25 2.94 -17.11
N ASN B 144 -4.99 1.92 -17.50
CA ASN B 144 -5.57 1.87 -18.84
C ASN B 144 -6.93 2.55 -18.89
N GLY B 145 -7.31 3.18 -17.78
CA GLY B 145 -8.58 3.88 -17.72
C GLY B 145 -9.68 3.21 -16.92
N ALA B 146 -9.41 2.04 -16.34
CA ALA B 146 -10.42 1.36 -15.56
C ALA B 146 -10.74 2.13 -14.29
N THR B 147 -12.00 2.10 -13.87
CA THR B 147 -12.40 2.78 -12.64
C THR B 147 -11.67 2.12 -11.47
N PHE B 148 -11.25 2.92 -10.50
CA PHE B 148 -10.54 2.44 -9.31
C PHE B 148 -11.54 2.60 -8.17
N ILE B 149 -12.13 1.49 -7.73
CA ILE B 149 -13.12 1.48 -6.66
C ILE B 149 -12.66 0.67 -5.43
N GLY B 150 -12.72 1.29 -4.26
CA GLY B 150 -12.33 0.61 -3.04
C GLY B 150 -13.56 0.38 -2.17
N THR B 151 -13.73 -0.83 -1.64
CA THR B 151 -14.90 -1.09 -0.82
C THR B 151 -14.95 -0.29 0.48
N ASN B 152 -13.81 -0.13 1.14
CA ASN B 152 -13.75 0.61 2.39
C ASN B 152 -12.34 1.09 2.67
N PRO B 153 -12.20 2.14 3.48
CA PRO B 153 -10.92 2.76 3.85
C PRO B 153 -10.14 2.17 5.02
N ASP B 154 -10.77 1.31 5.83
CA ASP B 154 -10.10 0.75 6.99
C ASP B 154 -8.65 0.32 6.79
N ALA B 155 -7.75 0.99 7.50
CA ALA B 155 -6.33 0.69 7.41
C ALA B 155 -6.06 -0.72 7.95
N THR B 156 -6.86 -1.13 8.95
CA THR B 156 -6.69 -2.42 9.61
C THR B 156 -7.99 -3.03 10.14
N LEU B 157 -7.91 -4.29 10.55
CA LEU B 157 -9.04 -4.98 11.17
C LEU B 157 -8.40 -6.08 12.02
N PRO B 158 -9.07 -6.51 13.09
CA PRO B 158 -8.53 -7.56 13.98
C PRO B 158 -8.31 -8.90 13.30
N GLY B 159 -7.22 -9.56 13.69
CA GLY B 159 -6.90 -10.86 13.12
C GLY B 159 -6.59 -11.80 14.26
N GLU B 160 -6.54 -13.10 14.00
CA GLU B 160 -6.26 -14.04 15.07
C GLU B 160 -5.02 -13.69 15.89
N GLU B 161 -3.94 -13.30 15.22
CA GLU B 161 -2.70 -12.98 15.92
C GLU B 161 -2.46 -11.52 16.31
N GLY B 162 -3.37 -10.64 15.93
CA GLY B 162 -3.21 -9.23 16.26
C GLY B 162 -3.91 -8.35 15.24
N ILE B 163 -3.37 -7.15 15.02
CA ILE B 163 -3.96 -6.23 14.06
C ILE B 163 -3.44 -6.55 12.65
N TYR B 164 -4.37 -6.90 11.76
CA TYR B 164 -4.05 -7.26 10.37
C TYR B 164 -4.32 -6.14 9.38
N PRO B 165 -3.63 -6.17 8.21
CA PRO B 165 -3.82 -5.15 7.18
C PRO B 165 -5.25 -5.17 6.67
N GLY B 166 -5.83 -3.99 6.50
CA GLY B 166 -7.20 -3.90 6.02
C GLY B 166 -7.29 -3.51 4.56
N ALA B 167 -8.51 -3.35 4.06
CA ALA B 167 -8.71 -2.99 2.66
C ALA B 167 -7.97 -1.69 2.32
N GLY B 168 -8.00 -0.74 3.25
CA GLY B 168 -7.35 0.54 3.02
C GLY B 168 -5.86 0.39 2.73
N SER B 169 -5.28 -0.65 3.31
CA SER B 169 -3.86 -0.96 3.15
C SER B 169 -3.61 -1.36 1.70
N ILE B 170 -4.49 -2.20 1.17
CA ILE B 170 -4.37 -2.67 -0.20
C ILE B 170 -4.67 -1.54 -1.18
N ILE B 171 -5.72 -0.78 -0.87
CA ILE B 171 -6.12 0.34 -1.71
C ILE B 171 -5.00 1.36 -1.77
N ALA B 172 -4.31 1.56 -0.66
CA ALA B 172 -3.22 2.53 -0.60
C ALA B 172 -2.11 2.15 -1.58
N ALA B 173 -1.76 0.87 -1.62
CA ALA B 173 -0.72 0.39 -2.52
C ALA B 173 -1.09 0.69 -3.97
N LEU B 174 -2.34 0.45 -4.34
CA LEU B 174 -2.80 0.71 -5.70
C LEU B 174 -2.86 2.19 -6.02
N LYS B 175 -3.14 3.01 -5.01
CA LYS B 175 -3.19 4.46 -5.20
C LYS B 175 -1.79 4.94 -5.59
N VAL B 176 -0.78 4.38 -4.92
CA VAL B 176 0.62 4.74 -5.21
C VAL B 176 1.07 4.20 -6.56
N ALA B 177 0.68 2.97 -6.87
CA ALA B 177 1.08 2.36 -8.14
C ALA B 177 0.36 2.94 -9.35
N THR B 178 -0.84 3.46 -9.16
CA THR B 178 -1.61 4.01 -10.28
C THR B 178 -1.61 5.53 -10.34
N ASN B 179 -1.37 6.16 -9.20
CA ASN B 179 -1.38 7.61 -9.11
C ASN B 179 -2.80 8.10 -9.37
N VAL B 180 -3.77 7.22 -9.14
CA VAL B 180 -5.18 7.54 -9.31
C VAL B 180 -5.88 7.55 -7.96
N GLU B 181 -6.76 8.53 -7.75
CA GLU B 181 -7.49 8.66 -6.50
C GLU B 181 -8.68 7.69 -6.51
N PRO B 182 -8.68 6.69 -5.63
CA PRO B 182 -9.79 5.73 -5.61
C PRO B 182 -11.13 6.27 -5.12
N ILE B 183 -12.20 5.66 -5.61
CA ILE B 183 -13.54 6.03 -5.18
C ILE B 183 -13.80 5.04 -4.05
N ILE B 184 -13.82 5.51 -2.80
CA ILE B 184 -14.05 4.63 -1.66
C ILE B 184 -15.53 4.58 -1.31
N ILE B 185 -16.07 3.39 -1.27
CA ILE B 185 -17.50 3.19 -1.01
C ILE B 185 -17.97 3.27 0.44
N GLY B 186 -17.33 2.50 1.31
CA GLY B 186 -17.74 2.43 2.71
C GLY B 186 -17.54 3.62 3.63
N LYS B 187 -17.99 3.45 4.86
CA LYS B 187 -17.87 4.48 5.90
C LYS B 187 -16.42 4.95 5.95
N PRO B 188 -16.20 6.26 6.16
CA PRO B 188 -17.17 7.34 6.37
C PRO B 188 -17.53 8.06 5.07
N ASN B 189 -17.55 7.33 3.97
CA ASN B 189 -17.85 7.92 2.68
C ASN B 189 -19.32 8.00 2.28
N GLU B 190 -19.59 8.91 1.37
CA GLU B 190 -20.93 9.20 0.87
C GLU B 190 -21.69 8.06 0.18
N PRO B 191 -21.00 7.22 -0.62
CA PRO B 191 -21.72 6.14 -1.29
C PRO B 191 -22.46 5.23 -0.29
N MET B 192 -21.84 5.02 0.87
CA MET B 192 -22.44 4.18 1.90
C MET B 192 -23.68 4.86 2.47
N TYR B 193 -23.58 6.18 2.64
CA TYR B 193 -24.70 6.95 3.17
C TYR B 193 -25.85 6.91 2.16
N GLU B 194 -25.50 6.98 0.88
CA GLU B 194 -26.51 6.94 -0.17
C GLU B 194 -27.31 5.65 -0.06
N VAL B 195 -26.63 4.56 0.28
CA VAL B 195 -27.33 3.28 0.41
C VAL B 195 -28.26 3.24 1.63
N VAL B 196 -27.80 3.77 2.76
CA VAL B 196 -28.60 3.81 3.97
C VAL B 196 -29.85 4.66 3.72
N ARG B 197 -29.64 5.82 3.10
CA ARG B 197 -30.72 6.75 2.80
C ARG B 197 -31.80 6.18 1.91
N GLU B 198 -31.36 5.39 0.95
CA GLU B 198 -32.23 4.73 -0.01
C GLU B 198 -33.15 3.75 0.71
N MET B 199 -32.62 3.13 1.76
CA MET B 199 -33.39 2.15 2.55
C MET B 199 -34.37 2.86 3.50
N PHE B 200 -33.90 3.94 4.12
CA PHE B 200 -34.71 4.71 5.03
C PHE B 200 -34.74 6.15 4.52
N PRO B 201 -35.66 6.47 3.60
CA PRO B 201 -35.85 7.78 2.96
C PRO B 201 -35.97 9.11 3.74
N GLY B 202 -36.92 9.22 4.66
CA GLY B 202 -37.05 10.49 5.37
C GLY B 202 -36.84 10.43 6.89
N GLU B 203 -36.31 9.33 7.41
CA GLU B 203 -36.12 9.17 8.86
C GLU B 203 -34.95 9.96 9.45
N GLU B 204 -35.00 10.13 10.77
CA GLU B 204 -33.93 10.82 11.48
C GLU B 204 -33.01 9.64 11.72
N LEU B 205 -31.79 9.71 11.22
CA LEU B 205 -30.85 8.61 11.34
C LEU B 205 -29.87 8.70 12.50
N TRP B 206 -29.65 7.56 13.16
CA TRP B 206 -28.70 7.45 14.26
C TRP B 206 -27.67 6.42 13.84
N MET B 207 -26.40 6.67 14.15
CA MET B 207 -25.31 5.76 13.81
C MET B 207 -24.65 5.30 15.10
N VAL B 208 -24.57 4.00 15.31
CA VAL B 208 -23.95 3.44 16.50
C VAL B 208 -22.72 2.64 16.11
N GLY B 209 -21.55 3.07 16.59
CA GLY B 209 -20.32 2.38 16.25
C GLY B 209 -19.26 2.42 17.33
N ASP B 210 -18.13 1.74 17.08
CA ASP B 210 -17.03 1.71 18.04
C ASP B 210 -15.76 2.33 17.48
N ARG B 211 -15.78 2.72 16.21
CA ARG B 211 -14.61 3.33 15.58
C ARG B 211 -14.86 4.81 15.26
N LEU B 212 -13.96 5.66 15.71
CA LEU B 212 -14.07 7.09 15.48
C LEU B 212 -13.83 7.48 14.03
N ASP B 213 -12.78 6.92 13.44
CA ASP B 213 -12.40 7.20 12.06
C ASP B 213 -13.38 6.76 10.98
N THR B 214 -14.24 5.78 11.27
CA THR B 214 -15.22 5.35 10.27
C THR B 214 -16.65 5.61 10.73
N ASP B 215 -17.06 4.91 11.80
CA ASP B 215 -18.40 5.07 12.32
C ASP B 215 -18.79 6.49 12.73
N ILE B 216 -18.04 7.07 13.65
CA ILE B 216 -18.37 8.41 14.11
C ILE B 216 -18.13 9.47 13.04
N ALA B 217 -17.05 9.32 12.27
CA ALA B 217 -16.75 10.28 11.21
C ALA B 217 -17.92 10.30 10.22
N PHE B 218 -18.46 9.11 9.96
CA PHE B 218 -19.57 8.90 9.05
C PHE B 218 -20.79 9.68 9.52
N ALA B 219 -21.17 9.47 10.78
CA ALA B 219 -22.35 10.13 11.36
C ALA B 219 -22.26 11.65 11.28
N LYS B 220 -21.12 12.19 11.67
CA LYS B 220 -20.89 13.64 11.64
C LYS B 220 -20.91 14.26 10.26
N LYS B 221 -20.31 13.59 9.28
CA LYS B 221 -20.27 14.10 7.92
C LYS B 221 -21.63 14.13 7.26
N PHE B 222 -22.50 13.19 7.66
CA PHE B 222 -23.84 13.14 7.07
C PHE B 222 -25.01 13.48 7.99
N GLY B 223 -24.70 14.12 9.11
CA GLY B 223 -25.74 14.54 10.03
C GLY B 223 -26.54 13.47 10.76
N MET B 224 -25.89 12.37 11.09
CA MET B 224 -26.55 11.29 11.82
C MET B 224 -26.13 11.47 13.27
N LYS B 225 -27.00 11.15 14.21
CA LYS B 225 -26.62 11.25 15.61
C LYS B 225 -25.46 10.29 15.79
N ALA B 226 -24.34 10.81 16.29
CA ALA B 226 -23.13 10.01 16.48
C ALA B 226 -23.05 9.35 17.86
N ILE B 227 -23.40 8.07 17.92
CA ILE B 227 -23.37 7.33 19.18
C ILE B 227 -22.23 6.33 19.20
N MET B 228 -21.34 6.46 20.17
CA MET B 228 -20.23 5.55 20.29
C MET B 228 -20.40 4.64 21.50
N VAL B 229 -20.09 3.37 21.33
CA VAL B 229 -20.16 2.43 22.43
C VAL B 229 -18.73 2.09 22.80
N LEU B 230 -18.51 1.63 24.03
CA LEU B 230 -17.17 1.32 24.51
C LEU B 230 -16.77 -0.15 24.44
N THR B 231 -17.62 -0.97 23.81
CA THR B 231 -17.38 -2.40 23.69
C THR B 231 -16.43 -2.75 22.54
N GLY B 232 -15.93 -1.73 21.85
CA GLY B 232 -15.05 -1.98 20.72
C GLY B 232 -13.65 -1.42 20.75
N VAL B 233 -13.23 -0.85 19.62
CA VAL B 233 -11.89 -0.30 19.43
C VAL B 233 -11.58 1.02 20.14
N SER B 234 -12.54 1.94 20.17
CA SER B 234 -12.32 3.25 20.77
C SER B 234 -12.62 3.38 22.26
N SER B 235 -12.00 4.37 22.88
CA SER B 235 -12.17 4.67 24.30
C SER B 235 -12.46 6.15 24.46
N LEU B 236 -12.92 6.55 25.64
CA LEU B 236 -13.23 7.97 25.89
C LEU B 236 -12.05 8.85 25.51
N GLU B 237 -10.85 8.36 25.82
CA GLU B 237 -9.60 9.07 25.51
C GLU B 237 -9.34 9.32 24.05
N ASP B 238 -9.64 8.35 23.21
CA ASP B 238 -9.42 8.49 21.79
C ASP B 238 -10.25 9.65 21.24
N ILE B 239 -11.40 9.89 21.85
CA ILE B 239 -12.28 10.98 21.47
C ILE B 239 -11.56 12.32 21.37
N LYS B 240 -10.80 12.68 22.41
CA LYS B 240 -10.09 13.97 22.44
C LYS B 240 -9.07 14.25 21.37
N LYS B 241 -8.30 13.24 20.99
CA LYS B 241 -7.29 13.41 19.96
C LYS B 241 -7.90 13.13 18.59
N SER B 242 -9.23 13.04 18.55
CA SER B 242 -9.90 12.78 17.30
C SER B 242 -10.77 13.94 16.87
N GLU B 243 -10.72 14.20 15.58
CA GLU B 243 -11.46 15.26 14.93
C GLU B 243 -12.96 14.96 14.97
N TYR B 244 -13.31 13.69 15.16
CA TYR B 244 -14.70 13.28 15.22
C TYR B 244 -15.15 13.14 16.68
N LYS B 245 -16.24 13.81 17.01
CA LYS B 245 -16.82 13.82 18.35
C LYS B 245 -18.22 13.18 18.44
N PRO B 246 -18.36 12.14 19.26
CA PRO B 246 -19.65 11.48 19.42
C PRO B 246 -20.65 12.41 20.09
N ASP B 247 -21.93 12.29 19.72
CA ASP B 247 -22.98 13.11 20.33
C ASP B 247 -23.37 12.43 21.63
N LEU B 248 -23.13 11.13 21.70
CA LEU B 248 -23.49 10.36 22.88
C LEU B 248 -22.54 9.17 23.02
N VAL B 249 -22.16 8.86 24.25
CA VAL B 249 -21.29 7.73 24.53
C VAL B 249 -22.01 6.79 25.48
N LEU B 250 -22.07 5.52 25.12
CA LEU B 250 -22.74 4.52 25.95
C LEU B 250 -21.83 3.34 26.20
N PRO B 251 -22.03 2.63 27.33
CA PRO B 251 -21.21 1.46 27.68
C PRO B 251 -21.33 0.38 26.61
N SER B 252 -22.55 0.16 26.14
CA SER B 252 -22.83 -0.84 25.11
C SER B 252 -24.19 -0.53 24.49
N VAL B 253 -24.55 -1.27 23.45
CA VAL B 253 -25.83 -1.03 22.79
C VAL B 253 -27.01 -1.38 23.70
N TYR B 254 -26.76 -2.15 24.75
CA TYR B 254 -27.85 -2.52 25.65
C TYR B 254 -28.42 -1.27 26.31
N GLU B 255 -27.55 -0.33 26.67
CA GLU B 255 -27.96 0.90 27.31
C GLU B 255 -28.82 1.80 26.41
N LEU B 256 -28.89 1.46 25.13
CA LEU B 256 -29.71 2.23 24.20
C LEU B 256 -31.18 2.10 24.55
N ILE B 257 -31.53 1.02 25.21
CA ILE B 257 -32.92 0.79 25.60
C ILE B 257 -33.43 1.86 26.57
N ASP B 258 -32.72 2.04 27.68
CA ASP B 258 -33.17 3.05 28.64
C ASP B 258 -32.98 4.45 28.10
N TYR B 259 -32.00 4.63 27.20
CA TYR B 259 -31.79 5.94 26.62
C TYR B 259 -33.02 6.32 25.80
N LEU B 260 -33.52 5.35 25.04
CA LEU B 260 -34.69 5.54 24.19
C LEU B 260 -35.96 5.71 25.00
N LYS B 261 -36.05 5.04 26.14
CA LYS B 261 -37.23 5.10 26.99
C LYS B 261 -37.33 6.39 27.80
N THR B 262 -36.19 7.02 28.06
CA THR B 262 -36.14 8.25 28.84
C THR B 262 -35.96 9.45 27.92
N LEU B 263 -36.20 9.22 26.63
CA LEU B 263 -36.06 10.24 25.60
C LEU B 263 -34.58 10.53 25.37
#